data_4USX
#
_entry.id   4USX
#
_cell.length_a   63.115
_cell.length_b   58.852
_cell.length_c   74.407
_cell.angle_alpha   90.00
_cell.angle_beta   104.65
_cell.angle_gamma   90.00
#
_symmetry.space_group_name_H-M   'P 1 21 1'
#
loop_
_entity.id
_entity.type
_entity.pdbx_description
1 polymer 'TRIMERIC AUTOTRANSPORTER ADHESIN'
2 non-polymer 'MAGNESIUM ION'
3 water water
#
_entity_poly.entity_id   1
_entity_poly.type   'polypeptide(L)'
_entity_poly.pdbx_seq_one_letter_code
;MASMTGGQQMGRGSMAPTTPNGGKPSQDLTLVGAASGPVALHNVAPGTASTDAVNVGQLGAVTTGLGGGAAIDPKTGAVT
APSYTVYNADGTTSNVGNVGAAIDAINSTGIKYFHANSTKPDSQALGADSVAIGPNAVANNAGDVALGSGAVTSQAGGTL
SETINGVTYSFAGTTPIGTVSVGAPGVERTITNVAAGRIGQSSTDAINGSQLYGTNQSIEALTDKMNSLGNTVANTLGSG
ASYNPQTGAVNGPANSGGVVTPTVIQEAANKWVSANPSTYVAPVATGTNGMAVGSGAVSTGQNSVALGTNASDGGRSNVV
SVGAPGAERQVTNVAAGTQATDAVNLGQMNGANSSSVDKLAAALEHHHHHH
;
_entity_poly.pdbx_strand_id   A,B,C
#
loop_
_chem_comp.id
_chem_comp.type
_chem_comp.name
_chem_comp.formula
MG non-polymer 'MAGNESIUM ION' 'Mg 2'
#
# COMPACT_ATOMS: atom_id res chain seq x y z
N PRO A 38 28.69 34.57 -36.91
CA PRO A 38 30.02 34.15 -37.35
C PRO A 38 31.14 34.44 -36.34
N VAL A 39 31.03 35.50 -35.54
CA VAL A 39 32.13 35.85 -34.64
C VAL A 39 31.73 35.95 -33.16
N ALA A 40 32.61 35.48 -32.29
CA ALA A 40 32.35 35.47 -30.85
C ALA A 40 32.73 36.79 -30.20
N LEU A 41 31.93 37.21 -29.23
CA LEU A 41 32.22 38.41 -28.43
C LEU A 41 32.90 38.02 -27.13
N HIS A 42 34.14 38.48 -26.94
CA HIS A 42 34.91 38.14 -25.75
C HIS A 42 34.83 39.23 -24.68
N ASN A 43 35.35 38.92 -23.50
CA ASN A 43 35.54 39.88 -22.42
C ASN A 43 34.24 40.57 -22.03
N VAL A 44 33.14 39.82 -22.05
CA VAL A 44 31.83 40.32 -21.61
C VAL A 44 31.62 40.01 -20.14
N ALA A 45 31.44 41.06 -19.34
CA ALA A 45 31.15 40.90 -17.92
C ALA A 45 29.69 40.46 -17.76
N PRO A 46 29.36 39.84 -16.62
CA PRO A 46 27.98 39.36 -16.41
C PRO A 46 26.95 40.49 -16.46
N GLY A 47 25.87 40.28 -17.21
CA GLY A 47 24.82 41.29 -17.32
C GLY A 47 23.99 41.38 -16.06
N THR A 48 23.52 42.59 -15.73
CA THR A 48 22.69 42.79 -14.54
C THR A 48 21.31 43.37 -14.84
N ALA A 49 21.26 44.47 -15.58
CA ALA A 49 19.99 45.05 -16.00
C ALA A 49 19.36 44.16 -17.08
N SER A 50 18.04 44.24 -17.23
CA SER A 50 17.34 43.32 -18.13
C SER A 50 17.80 43.46 -19.58
N THR A 51 18.31 44.63 -19.95
CA THR A 51 18.81 44.82 -21.31
C THR A 51 20.34 44.72 -21.41
N ASP A 52 20.96 44.00 -20.48
CA ASP A 52 22.39 43.69 -20.55
C ASP A 52 22.62 42.34 -21.23
N ALA A 53 23.75 42.19 -21.92
CA ALA A 53 24.08 40.90 -22.52
C ALA A 53 24.42 39.88 -21.46
N VAL A 54 24.21 38.61 -21.78
CA VAL A 54 24.47 37.50 -20.88
C VAL A 54 25.75 36.75 -21.28
N ASN A 55 26.59 36.35 -20.32
CA ASN A 55 27.76 35.56 -20.68
C ASN A 55 27.65 34.08 -20.33
N VAL A 56 28.59 33.30 -20.85
CA VAL A 56 28.59 31.85 -20.68
C VAL A 56 28.57 31.39 -19.21
N GLY A 57 29.29 32.12 -18.36
CA GLY A 57 29.29 31.85 -16.94
C GLY A 57 27.90 31.90 -16.35
N GLN A 58 27.11 32.87 -16.79
CA GLN A 58 25.73 33.00 -16.35
C GLN A 58 24.87 31.87 -16.90
N LEU A 59 24.97 31.59 -18.20
CA LEU A 59 24.16 30.51 -18.78
C LEU A 59 24.56 29.16 -18.19
N GLY A 60 25.85 28.98 -17.95
CA GLY A 60 26.35 27.74 -17.37
C GLY A 60 25.74 27.43 -16.02
N ALA A 61 25.43 28.48 -15.26
CA ALA A 61 24.80 28.29 -13.96
C ALA A 61 23.40 27.72 -14.13
N VAL A 62 22.73 28.06 -15.22
CA VAL A 62 21.40 27.52 -15.48
C VAL A 62 21.46 26.06 -15.91
N THR A 63 22.41 25.71 -16.77
CA THR A 63 22.59 24.29 -17.11
C THR A 63 22.95 23.51 -15.85
N THR A 64 23.77 24.11 -14.99
CA THR A 64 24.14 23.44 -13.75
C THR A 64 22.89 23.17 -12.88
N GLY A 65 21.94 24.10 -12.89
CA GLY A 65 20.68 23.95 -12.17
C GLY A 65 19.78 22.86 -12.72
N LEU A 66 19.91 22.58 -14.01
CA LEU A 66 19.19 21.46 -14.63
C LEU A 66 19.74 20.13 -14.14
N GLY A 67 21.06 20.07 -13.98
CA GLY A 67 21.72 18.85 -13.57
C GLY A 67 21.71 17.81 -14.68
N GLY A 68 21.85 16.54 -14.29
CA GLY A 68 21.80 15.43 -15.22
C GLY A 68 22.80 15.51 -16.34
N GLY A 69 23.94 16.15 -16.07
CA GLY A 69 24.98 16.30 -17.06
C GLY A 69 24.81 17.42 -18.09
N ALA A 70 23.78 18.25 -17.91
CA ALA A 70 23.58 19.39 -18.80
C ALA A 70 24.83 20.28 -18.74
N ALA A 71 25.28 20.76 -19.89
CA ALA A 71 26.55 21.47 -19.93
C ALA A 71 26.75 22.27 -21.20
N ILE A 72 27.66 23.24 -21.13
CA ILE A 72 28.13 23.95 -22.30
C ILE A 72 29.55 23.49 -22.62
N ASP A 73 29.77 23.04 -23.85
CA ASP A 73 31.09 22.53 -24.22
C ASP A 73 32.11 23.68 -24.29
N PRO A 74 33.21 23.58 -23.53
CA PRO A 74 34.21 24.67 -23.45
C PRO A 74 34.98 24.88 -24.75
N LYS A 75 34.86 23.95 -25.69
CA LYS A 75 35.56 23.99 -26.96
C LYS A 75 34.70 24.63 -28.04
N THR A 76 33.43 24.23 -28.09
CA THR A 76 32.54 24.56 -29.20
C THR A 76 31.30 25.37 -28.83
N GLY A 77 30.99 25.42 -27.54
CA GLY A 77 29.81 26.16 -27.09
C GLY A 77 28.53 25.37 -27.23
N ALA A 78 28.63 24.15 -27.73
CA ALA A 78 27.45 23.28 -27.89
C ALA A 78 26.85 22.96 -26.52
N VAL A 79 25.52 22.92 -26.45
CA VAL A 79 24.85 22.60 -25.20
C VAL A 79 24.46 21.12 -25.14
N THR A 80 24.87 20.46 -24.06
CA THR A 80 24.46 19.07 -23.82
C THR A 80 23.13 19.06 -23.06
N ALA A 81 22.13 18.34 -23.55
CA ALA A 81 20.86 18.19 -22.81
C ALA A 81 21.07 17.50 -21.47
N PRO A 82 20.18 17.76 -20.50
CA PRO A 82 20.22 16.95 -19.29
C PRO A 82 19.78 15.52 -19.60
N SER A 83 20.20 14.56 -18.80
CA SER A 83 19.69 13.19 -18.93
C SER A 83 19.19 12.70 -17.58
N TYR A 84 17.88 12.47 -17.48
CA TYR A 84 17.27 12.04 -16.21
C TYR A 84 16.80 10.60 -16.28
N THR A 85 17.16 9.80 -15.29
CA THR A 85 16.71 8.42 -15.21
C THR A 85 15.35 8.31 -14.53
N VAL A 86 14.39 7.71 -15.24
CA VAL A 86 13.09 7.43 -14.62
C VAL A 86 12.88 5.93 -14.61
N TYR A 87 12.04 5.47 -13.68
CA TYR A 87 11.90 4.03 -13.46
C TYR A 87 10.57 3.56 -14.01
N ASN A 88 10.63 2.59 -14.93
CA ASN A 88 9.41 2.06 -15.53
C ASN A 88 8.77 1.02 -14.60
N ALA A 89 7.65 0.43 -15.01
CA ALA A 89 6.94 -0.52 -14.13
C ALA A 89 7.33 -1.98 -14.36
N ASP A 90 8.22 -2.22 -15.34
CA ASP A 90 8.58 -3.58 -15.73
C ASP A 90 10.01 -3.97 -15.39
N GLY A 91 10.60 -3.30 -14.41
CA GLY A 91 11.96 -3.62 -14.01
C GLY A 91 13.02 -2.91 -14.84
N THR A 92 12.60 -2.10 -15.80
CA THR A 92 13.53 -1.33 -16.63
C THR A 92 13.58 0.13 -16.20
N THR A 93 14.57 0.86 -16.71
CA THR A 93 14.63 2.32 -16.58
C THR A 93 14.69 2.94 -17.99
N SER A 94 14.35 4.22 -18.08
CA SER A 94 14.54 4.99 -19.32
C SER A 94 15.24 6.30 -18.99
N ASN A 95 15.96 6.86 -19.96
CA ASN A 95 16.51 8.21 -19.81
C ASN A 95 15.69 9.22 -20.62
N VAL A 96 15.32 10.33 -20.00
CA VAL A 96 14.59 11.37 -20.73
C VAL A 96 15.42 12.66 -20.73
N GLY A 97 15.16 13.54 -21.70
CA GLY A 97 16.05 14.67 -21.97
C GLY A 97 15.55 16.05 -21.54
N ASN A 98 14.50 16.07 -20.76
CA ASN A 98 13.94 17.33 -20.29
C ASN A 98 13.07 17.11 -19.07
N VAL A 99 12.89 18.16 -18.26
CA VAL A 99 12.26 18.02 -16.95
C VAL A 99 10.78 17.64 -17.08
N GLY A 100 10.07 18.25 -18.03
CA GLY A 100 8.68 17.87 -18.28
C GLY A 100 8.47 16.38 -18.50
N ALA A 101 9.36 15.77 -19.26
CA ALA A 101 9.27 14.34 -19.58
C ALA A 101 9.44 13.50 -18.33
N ALA A 102 10.31 13.96 -17.43
CA ALA A 102 10.52 13.28 -16.16
C ALA A 102 9.30 13.39 -15.24
N ILE A 103 8.72 14.58 -15.13
CA ILE A 103 7.50 14.75 -14.34
C ILE A 103 6.36 13.90 -14.91
N ASP A 104 6.24 13.84 -16.24
CA ASP A 104 5.18 13.04 -16.84
C ASP A 104 5.40 11.54 -16.59
N ALA A 105 6.65 11.09 -16.54
CA ALA A 105 6.95 9.70 -16.19
C ALA A 105 6.54 9.40 -14.75
N ILE A 106 6.95 10.29 -13.85
CA ILE A 106 6.57 10.20 -12.44
C ILE A 106 5.05 10.07 -12.31
N ASN A 107 4.32 10.84 -13.12
CA ASN A 107 2.86 10.82 -13.09
C ASN A 107 2.20 9.80 -14.02
N SER A 108 2.92 8.74 -14.38
CA SER A 108 2.33 7.70 -15.21
C SER A 108 2.88 6.34 -14.82
N THR A 109 4.20 6.17 -14.98
CA THR A 109 4.84 4.90 -14.68
C THR A 109 5.31 4.83 -13.23
N GLY A 110 5.37 5.98 -12.57
CA GLY A 110 5.65 6.00 -11.14
C GLY A 110 7.08 6.37 -10.73
N ILE A 111 7.47 5.97 -9.52
CA ILE A 111 8.82 6.22 -9.00
C ILE A 111 9.38 4.89 -8.47
N LYS A 112 10.68 4.82 -8.25
CA LYS A 112 11.28 3.59 -7.72
C LYS A 112 10.56 3.16 -6.44
N TYR A 113 10.19 1.88 -6.39
CA TYR A 113 9.50 1.23 -5.26
C TYR A 113 7.99 1.57 -5.16
N PHE A 114 7.49 2.43 -6.04
CA PHE A 114 6.05 2.76 -6.05
C PHE A 114 5.56 2.86 -7.49
N HIS A 115 5.04 1.75 -8.02
CA HIS A 115 4.56 1.70 -9.40
C HIS A 115 3.13 1.21 -9.51
N ALA A 116 2.34 1.90 -10.32
CA ALA A 116 1.08 1.38 -10.81
C ALA A 116 1.17 1.26 -12.33
N ASN A 117 0.88 0.08 -12.87
CA ASN A 117 0.93 -0.14 -14.33
C ASN A 117 -0.45 0.13 -14.94
N SER A 118 -0.73 1.37 -15.33
CA SER A 118 -2.09 1.69 -15.79
C SER A 118 -2.14 2.93 -16.68
N THR A 119 -3.16 2.97 -17.53
CA THR A 119 -3.54 4.21 -18.22
C THR A 119 -4.94 4.68 -17.80
N LYS A 120 -5.51 4.04 -16.76
CA LYS A 120 -6.85 4.37 -16.27
C LYS A 120 -6.85 5.65 -15.39
N PRO A 121 -8.04 6.16 -15.01
CA PRO A 121 -8.03 7.39 -14.22
C PRO A 121 -7.37 7.28 -12.83
N ASP A 122 -7.00 8.45 -12.31
CA ASP A 122 -6.26 8.63 -11.06
C ASP A 122 -7.00 8.07 -9.82
N SER A 123 -6.25 7.76 -8.78
CA SER A 123 -6.85 7.53 -7.45
C SER A 123 -7.32 8.85 -6.85
N GLN A 124 -8.20 8.78 -5.85
CA GLN A 124 -8.73 9.99 -5.18
C GLN A 124 -8.75 9.77 -3.68
N ALA A 125 -8.00 10.60 -2.96
CA ALA A 125 -7.95 10.55 -1.51
C ALA A 125 -8.83 11.65 -0.97
N LEU A 126 -10.11 11.33 -0.78
CA LEU A 126 -11.11 12.37 -0.52
C LEU A 126 -11.31 12.70 0.97
N GLY A 127 -10.96 11.75 1.84
CA GLY A 127 -11.10 11.98 3.26
C GLY A 127 -9.89 12.65 3.87
N ALA A 128 -10.10 13.38 4.97
CA ALA A 128 -8.99 13.98 5.69
C ALA A 128 -8.03 12.88 6.12
N ASP A 129 -6.75 13.11 5.87
CA ASP A 129 -5.68 12.19 6.21
C ASP A 129 -5.91 10.81 5.62
N SER A 130 -6.51 10.76 4.43
CA SER A 130 -6.73 9.45 3.79
C SER A 130 -5.66 9.16 2.74
N VAL A 131 -5.58 7.90 2.32
CA VAL A 131 -4.62 7.44 1.32
C VAL A 131 -5.36 6.66 0.24
N ALA A 132 -5.07 6.95 -1.02
CA ALA A 132 -5.66 6.18 -2.12
C ALA A 132 -4.60 5.79 -3.14
N ILE A 133 -4.50 4.50 -3.41
CA ILE A 133 -3.44 3.93 -4.23
C ILE A 133 -3.99 3.07 -5.37
N GLY A 134 -3.63 3.42 -6.61
CA GLY A 134 -4.03 2.64 -7.77
C GLY A 134 -5.16 3.27 -8.58
N PRO A 135 -5.32 2.84 -9.85
CA PRO A 135 -6.28 3.53 -10.71
C PRO A 135 -7.71 3.35 -10.20
N ASN A 136 -8.49 4.43 -10.22
CA ASN A 136 -9.89 4.41 -9.78
C ASN A 136 -10.08 4.04 -8.29
N ALA A 137 -9.00 4.04 -7.51
CA ALA A 137 -9.16 3.81 -6.07
C ALA A 137 -9.72 5.07 -5.40
N VAL A 138 -10.64 4.89 -4.45
CA VAL A 138 -11.27 6.02 -3.75
C VAL A 138 -11.33 5.81 -2.25
N ALA A 139 -10.64 6.66 -1.50
CA ALA A 139 -10.78 6.70 -0.05
C ALA A 139 -11.81 7.78 0.31
N ASN A 140 -12.98 7.36 0.78
CA ASN A 140 -14.10 8.27 0.95
C ASN A 140 -14.20 8.97 2.31
N ASN A 141 -13.47 8.49 3.31
CA ASN A 141 -13.63 9.02 4.67
C ASN A 141 -12.31 9.34 5.37
N ALA A 142 -12.40 10.14 6.43
CA ALA A 142 -11.20 10.53 7.17
C ALA A 142 -10.44 9.28 7.64
N GLY A 143 -9.14 9.29 7.41
CA GLY A 143 -8.30 8.20 7.88
C GLY A 143 -8.40 6.89 7.13
N ASP A 144 -9.16 6.86 6.03
CA ASP A 144 -9.29 5.62 5.23
C ASP A 144 -8.05 5.35 4.37
N VAL A 145 -7.88 4.09 3.98
CA VAL A 145 -6.91 3.69 2.96
C VAL A 145 -7.64 2.87 1.89
N ALA A 146 -7.51 3.29 0.63
CA ALA A 146 -7.96 2.46 -0.49
C ALA A 146 -6.75 1.92 -1.25
N LEU A 147 -6.63 0.59 -1.31
CA LEU A 147 -5.44 -0.06 -1.85
C LEU A 147 -5.79 -0.99 -3.00
N GLY A 148 -5.45 -0.56 -4.22
CA GLY A 148 -5.64 -1.36 -5.42
C GLY A 148 -6.55 -0.73 -6.47
N SER A 149 -6.36 -1.15 -7.72
CA SER A 149 -7.24 -0.73 -8.79
CA SER A 149 -7.24 -0.73 -8.79
C SER A 149 -8.71 -0.96 -8.42
N GLY A 150 -9.51 0.10 -8.48
CA GLY A 150 -10.94 -0.03 -8.17
C GLY A 150 -11.26 -0.33 -6.71
N ALA A 151 -10.31 -0.12 -5.82
CA ALA A 151 -10.59 -0.28 -4.40
C ALA A 151 -11.30 0.98 -3.85
N VAL A 152 -12.43 0.76 -3.18
CA VAL A 152 -13.27 1.86 -2.70
C VAL A 152 -13.61 1.64 -1.22
N THR A 153 -13.55 2.71 -0.42
CA THR A 153 -13.90 2.56 0.99
C THR A 153 -15.30 3.09 1.31
N SER A 154 -15.92 2.52 2.35
CA SER A 154 -17.07 3.17 2.98
C SER A 154 -16.80 3.30 4.48
N GLN A 155 -17.57 4.12 5.17
CA GLN A 155 -17.26 4.45 6.55
C GLN A 155 -17.20 3.19 7.43
N ALA A 156 -16.12 3.09 8.22
CA ALA A 156 -15.88 1.91 9.05
C ALA A 156 -16.87 1.83 10.21
N GLY A 157 -17.22 0.60 10.59
CA GLY A 157 -18.08 0.41 11.76
C GLY A 157 -17.48 -0.69 12.62
N GLY A 158 -17.70 -0.62 13.93
CA GLY A 158 -17.13 -1.62 14.83
C GLY A 158 -17.96 -2.89 15.00
N THR A 159 -17.29 -3.97 15.36
CA THR A 159 -17.96 -5.22 15.71
C THR A 159 -17.51 -5.61 17.10
N LEU A 160 -18.46 -5.81 18.01
CA LEU A 160 -18.17 -5.92 19.43
C LEU A 160 -18.02 -7.34 19.94
N SER A 161 -18.82 -8.26 19.40
CA SER A 161 -18.89 -9.60 19.96
C SER A 161 -19.55 -10.59 19.00
N GLU A 162 -19.54 -11.86 19.39
CA GLU A 162 -20.33 -12.89 18.73
C GLU A 162 -21.02 -13.71 19.81
N THR A 163 -22.18 -14.27 19.50
CA THR A 163 -22.88 -15.12 20.47
C THR A 163 -23.06 -16.52 19.89
N ILE A 164 -22.54 -17.51 20.62
CA ILE A 164 -22.54 -18.90 20.19
C ILE A 164 -23.14 -19.75 21.32
N ASN A 165 -24.18 -20.50 21.01
CA ASN A 165 -24.89 -21.31 21.99
C ASN A 165 -25.23 -20.54 23.26
N GLY A 166 -25.73 -19.32 23.06
CA GLY A 166 -26.19 -18.48 24.17
C GLY A 166 -25.10 -17.84 25.00
N VAL A 167 -23.84 -18.01 24.59
CA VAL A 167 -22.71 -17.39 25.27
C VAL A 167 -22.14 -16.28 24.37
N THR A 168 -21.93 -15.10 24.95
CA THR A 168 -21.39 -13.95 24.20
C THR A 168 -19.88 -13.81 24.44
N TYR A 169 -19.13 -13.76 23.34
CA TYR A 169 -17.67 -13.62 23.39
C TYR A 169 -17.29 -12.26 22.83
N SER A 170 -16.51 -11.50 23.61
CA SER A 170 -16.16 -10.12 23.29
C SER A 170 -14.89 -10.04 22.46
N PHE A 171 -14.76 -8.99 21.65
CA PHE A 171 -13.66 -8.88 20.70
C PHE A 171 -12.69 -7.77 21.06
N ALA A 172 -11.51 -7.80 20.46
CA ALA A 172 -10.53 -6.72 20.57
C ALA A 172 -10.58 -5.82 19.33
N GLY A 173 -10.19 -4.56 19.48
CA GLY A 173 -10.27 -3.59 18.40
C GLY A 173 -11.69 -3.37 17.91
N THR A 174 -12.54 -2.84 18.78
CA THR A 174 -13.97 -2.71 18.50
C THR A 174 -14.39 -1.29 18.09
N THR A 175 -13.43 -0.37 18.04
CA THR A 175 -13.72 1.01 17.68
C THR A 175 -12.72 1.48 16.62
N PRO A 176 -12.95 1.13 15.35
CA PRO A 176 -11.99 1.42 14.29
C PRO A 176 -11.96 2.90 13.96
N ILE A 177 -10.81 3.43 13.58
CA ILE A 177 -10.76 4.84 13.22
C ILE A 177 -10.95 5.04 11.73
N GLY A 178 -11.05 3.94 10.99
CA GLY A 178 -11.20 3.98 9.54
C GLY A 178 -11.09 2.56 8.99
N THR A 179 -11.13 2.41 7.67
CA THR A 179 -10.93 1.10 7.06
C THR A 179 -9.82 1.13 6.03
N VAL A 180 -9.23 -0.06 5.79
CA VAL A 180 -8.44 -0.32 4.61
C VAL A 180 -9.27 -1.19 3.68
N SER A 181 -9.67 -0.65 2.54
CA SER A 181 -10.39 -1.45 1.55
C SER A 181 -9.43 -1.94 0.48
N VAL A 182 -9.46 -3.23 0.23
CA VAL A 182 -8.64 -3.85 -0.82
C VAL A 182 -9.49 -4.18 -2.04
N GLY A 183 -10.70 -3.63 -2.10
CA GLY A 183 -11.54 -3.83 -3.28
C GLY A 183 -12.86 -3.10 -3.19
N ALA A 184 -13.90 -3.71 -3.73
CA ALA A 184 -15.26 -3.13 -3.65
C ALA A 184 -16.26 -4.27 -3.80
N PRO A 185 -17.55 -4.01 -3.52
CA PRO A 185 -18.50 -5.12 -3.64
C PRO A 185 -18.51 -5.71 -5.05
N GLY A 186 -18.37 -7.04 -5.13
CA GLY A 186 -18.31 -7.73 -6.40
C GLY A 186 -16.91 -7.85 -7.00
N VAL A 187 -16.00 -7.03 -6.50
CA VAL A 187 -14.60 -7.04 -6.98
C VAL A 187 -13.67 -7.01 -5.78
N GLU A 188 -13.85 -7.99 -4.91
CA GLU A 188 -12.99 -8.19 -3.74
C GLU A 188 -11.61 -8.70 -4.14
N ARG A 189 -10.63 -8.56 -3.25
CA ARG A 189 -9.31 -9.15 -3.44
C ARG A 189 -9.03 -10.14 -2.33
N THR A 190 -8.46 -11.30 -2.65
CA THR A 190 -7.89 -12.12 -1.59
C THR A 190 -6.70 -11.38 -0.98
N ILE A 191 -6.35 -11.72 0.25
CA ILE A 191 -5.08 -11.27 0.80
C ILE A 191 -4.22 -12.52 1.06
N THR A 192 -2.99 -12.50 0.55
CA THR A 192 -2.17 -13.70 0.51
C THR A 192 -0.80 -13.54 1.15
N ASN A 193 -0.19 -14.69 1.48
CA ASN A 193 1.09 -14.75 2.20
C ASN A 193 1.03 -14.02 3.54
N VAL A 194 -0.09 -14.23 4.23
CA VAL A 194 -0.35 -13.73 5.56
C VAL A 194 0.18 -14.72 6.60
N ALA A 195 1.11 -14.30 7.45
CA ALA A 195 1.61 -15.14 8.53
C ALA A 195 0.52 -15.36 9.59
N ALA A 196 0.51 -16.52 10.24
CA ALA A 196 -0.52 -16.81 11.24
C ALA A 196 -0.56 -15.77 12.37
N GLY A 197 -1.77 -15.36 12.76
CA GLY A 197 -1.95 -14.33 13.78
C GLY A 197 -2.06 -14.90 15.19
N ARG A 198 -1.79 -14.09 16.21
CA ARG A 198 -2.02 -14.52 17.59
C ARG A 198 -3.49 -14.83 17.78
N ILE A 199 -3.79 -15.91 18.50
CA ILE A 199 -5.17 -16.21 18.86
C ILE A 199 -5.33 -16.02 20.37
N GLY A 200 -6.13 -15.03 20.74
CA GLY A 200 -6.30 -14.71 22.15
C GLY A 200 -7.26 -13.55 22.28
N GLN A 201 -7.70 -13.31 23.50
CA GLN A 201 -8.74 -12.32 23.77
C GLN A 201 -8.40 -10.91 23.32
N SER A 202 -7.11 -10.56 23.39
CA SER A 202 -6.73 -9.21 23.03
C SER A 202 -6.15 -9.09 21.62
N SER A 203 -6.13 -10.18 20.86
CA SER A 203 -5.46 -10.16 19.55
C SER A 203 -6.17 -9.33 18.50
N THR A 204 -5.43 -8.39 17.90
CA THR A 204 -5.90 -7.65 16.74
C THR A 204 -5.09 -8.06 15.49
N ASP A 205 -4.53 -9.27 15.51
CA ASP A 205 -3.84 -9.83 14.34
C ASP A 205 -4.83 -10.46 13.35
N ALA A 206 -4.56 -10.35 12.05
CA ALA A 206 -5.36 -11.09 11.06
C ALA A 206 -5.11 -12.61 11.14
N ILE A 207 -6.12 -13.37 10.71
CA ILE A 207 -6.12 -14.83 10.79
C ILE A 207 -6.01 -15.46 9.40
N ASN A 208 -5.20 -16.50 9.23
CA ASN A 208 -5.16 -17.14 7.91
C ASN A 208 -5.92 -18.46 7.88
N GLY A 209 -6.05 -19.02 6.67
CA GLY A 209 -6.90 -20.19 6.46
C GLY A 209 -6.47 -21.44 7.19
N SER A 210 -5.17 -21.58 7.46
CA SER A 210 -4.68 -22.76 8.18
C SER A 210 -5.17 -22.72 9.64
N GLN A 211 -5.50 -21.53 10.11
CA GLN A 211 -5.94 -21.36 11.49
C GLN A 211 -7.41 -21.72 11.62
N LEU A 212 -8.23 -21.24 10.70
CA LEU A 212 -9.65 -21.65 10.65
C LEU A 212 -9.74 -23.15 10.36
N TYR A 213 -8.78 -23.67 9.59
CA TYR A 213 -8.80 -25.09 9.26
C TYR A 213 -8.66 -25.95 10.51
N GLY A 214 -7.69 -25.63 11.37
CA GLY A 214 -7.50 -26.35 12.60
C GLY A 214 -8.77 -26.35 13.44
N THR A 215 -9.40 -25.18 13.49
CA THR A 215 -10.65 -25.06 14.24
C THR A 215 -11.76 -25.96 13.64
N ASN A 216 -11.88 -26.00 12.31
CA ASN A 216 -12.84 -26.87 11.66
C ASN A 216 -12.56 -28.35 11.93
N GLN A 217 -11.28 -28.72 11.91
CA GLN A 217 -10.89 -30.08 12.24
C GLN A 217 -11.34 -30.45 13.65
N SER A 218 -11.15 -29.51 14.60
CA SER A 218 -11.51 -29.78 15.98
C SER A 218 -13.03 -30.00 16.12
N ILE A 219 -13.81 -29.36 15.25
CA ILE A 219 -15.26 -29.58 15.27
C ILE A 219 -15.61 -30.99 14.81
N GLU A 220 -14.98 -31.44 13.72
CA GLU A 220 -15.26 -32.78 13.21
C GLU A 220 -14.73 -33.87 14.14
N ALA A 221 -13.64 -33.56 14.85
CA ALA A 221 -13.09 -34.52 15.81
C ALA A 221 -14.09 -34.74 16.96
N LEU A 222 -14.65 -33.63 17.45
CA LEU A 222 -15.67 -33.69 18.50
C LEU A 222 -16.90 -34.45 18.01
N THR A 223 -17.27 -34.20 16.76
CA THR A 223 -18.41 -34.90 16.17
C THR A 223 -18.17 -36.40 16.08
N ASP A 224 -16.94 -36.82 15.75
CA ASP A 224 -16.63 -38.24 15.76
C ASP A 224 -16.93 -38.83 17.13
N LYS A 225 -16.51 -38.13 18.18
CA LYS A 225 -16.76 -38.56 19.54
C LYS A 225 -18.25 -38.63 19.86
N MET A 226 -19.01 -37.65 19.40
CA MET A 226 -20.46 -37.66 19.65
C MET A 226 -21.13 -38.81 18.91
N ASN A 227 -20.64 -39.11 17.71
CA ASN A 227 -21.18 -40.22 16.93
C ASN A 227 -20.91 -41.57 17.58
N SER A 228 -19.74 -41.69 18.21
CA SER A 228 -19.44 -42.88 19.00
C SER A 228 -20.39 -42.96 20.19
N LEU A 229 -20.62 -41.83 20.85
CA LEU A 229 -21.56 -41.76 21.98
C LEU A 229 -22.94 -42.25 21.57
N GLY A 230 -23.44 -41.74 20.44
CA GLY A 230 -24.75 -42.13 19.95
C GLY A 230 -24.89 -43.60 19.59
N ASN A 231 -23.92 -44.13 18.84
CA ASN A 231 -23.94 -45.53 18.43
C ASN A 231 -23.91 -46.50 19.61
N THR A 232 -22.96 -46.29 20.51
CA THR A 232 -22.76 -47.20 21.65
C THR A 232 -23.96 -47.19 22.60
N VAL A 233 -24.56 -46.02 22.79
CA VAL A 233 -25.77 -45.90 23.59
C VAL A 233 -26.92 -46.65 22.92
N ALA A 234 -27.01 -46.54 21.59
CA ALA A 234 -28.02 -47.26 20.80
C ALA A 234 -27.83 -48.78 20.91
N ASN A 235 -26.60 -49.20 21.19
CA ASN A 235 -26.33 -50.60 21.53
C ASN A 235 -26.38 -50.83 23.06
N SER A 242 -30.99 -48.07 16.67
CA SER A 242 -30.46 -47.25 15.59
C SER A 242 -30.05 -45.87 16.09
N TYR A 243 -28.93 -45.37 15.55
CA TYR A 243 -28.51 -43.99 15.80
C TYR A 243 -28.41 -43.23 14.48
N ASN A 244 -29.10 -42.09 14.42
CA ASN A 244 -29.10 -41.24 13.23
C ASN A 244 -28.08 -40.11 13.34
N PRO A 245 -26.94 -40.23 12.64
CA PRO A 245 -25.88 -39.22 12.70
C PRO A 245 -26.26 -37.87 12.08
N GLN A 246 -27.23 -37.87 11.17
CA GLN A 246 -27.68 -36.62 10.56
C GLN A 246 -28.47 -35.76 11.55
N THR A 247 -29.22 -36.40 12.44
CA THR A 247 -30.08 -35.68 13.38
C THR A 247 -29.65 -35.86 14.85
N GLY A 248 -28.86 -36.88 15.11
CA GLY A 248 -28.41 -37.17 16.47
C GLY A 248 -29.37 -38.05 17.25
N ALA A 249 -30.51 -38.37 16.64
CA ALA A 249 -31.58 -39.11 17.33
C ALA A 249 -31.27 -40.59 17.52
N VAL A 250 -31.55 -41.09 18.72
CA VAL A 250 -31.45 -42.51 19.02
C VAL A 250 -32.87 -43.07 19.20
N ASN A 251 -33.17 -44.17 18.52
CA ASN A 251 -34.50 -44.77 18.59
C ASN A 251 -34.47 -46.24 18.98
N GLY B 37 15.17 52.03 -28.16
CA GLY B 37 16.41 52.29 -27.46
C GLY B 37 17.40 51.14 -27.60
N PRO B 38 17.09 50.01 -26.95
CA PRO B 38 17.98 48.84 -27.10
C PRO B 38 17.95 48.29 -28.52
N VAL B 39 19.09 47.74 -28.96
CA VAL B 39 19.21 47.16 -30.28
C VAL B 39 19.73 45.73 -30.15
N ALA B 40 19.29 44.83 -31.01
CA ALA B 40 19.75 43.45 -30.94
C ALA B 40 21.17 43.34 -31.52
N LEU B 41 22.00 42.51 -30.91
CA LEU B 41 23.35 42.24 -31.41
C LEU B 41 23.32 41.02 -32.31
N HIS B 42 23.76 41.15 -33.55
CA HIS B 42 23.66 40.06 -34.51
C HIS B 42 24.98 39.35 -34.75
N ASN B 43 24.91 38.23 -35.47
CA ASN B 43 26.08 37.45 -35.88
C ASN B 43 27.06 37.16 -34.75
N VAL B 44 26.51 36.71 -33.62
CA VAL B 44 27.31 36.27 -32.48
C VAL B 44 27.47 34.76 -32.53
N ALA B 45 28.71 34.29 -32.59
CA ALA B 45 29.01 32.85 -32.53
C ALA B 45 28.76 32.33 -31.12
N PRO B 46 28.57 30.99 -30.97
CA PRO B 46 28.42 30.42 -29.63
C PRO B 46 29.58 30.79 -28.71
N GLY B 47 29.27 31.18 -27.48
CA GLY B 47 30.29 31.48 -26.49
C GLY B 47 30.93 30.21 -25.96
N THR B 48 32.23 30.28 -25.66
CA THR B 48 32.94 29.13 -25.11
C THR B 48 33.59 29.47 -23.77
N ALA B 49 34.32 30.59 -23.71
CA ALA B 49 34.92 31.05 -22.47
C ALA B 49 33.82 31.63 -21.57
N SER B 50 34.04 31.64 -20.26
CA SER B 50 33.03 32.13 -19.31
C SER B 50 32.69 33.59 -19.55
N THR B 51 33.63 34.36 -20.09
CA THR B 51 33.34 35.76 -20.37
C THR B 51 32.99 36.02 -21.84
N ASP B 52 32.60 34.97 -22.56
CA ASP B 52 32.05 35.15 -23.91
C ASP B 52 30.56 35.37 -23.85
N ALA B 53 30.02 36.15 -24.79
CA ALA B 53 28.57 36.28 -24.91
C ALA B 53 27.92 34.97 -25.38
N VAL B 54 26.69 34.69 -24.94
CA VAL B 54 25.94 33.54 -25.46
C VAL B 54 24.97 34.00 -26.54
N ASN B 55 24.62 33.11 -27.48
CA ASN B 55 23.60 33.46 -28.46
C ASN B 55 22.27 32.76 -28.20
N VAL B 56 21.25 33.12 -28.98
CA VAL B 56 19.90 32.57 -28.81
C VAL B 56 19.90 31.05 -28.96
N GLY B 57 20.70 30.55 -29.90
CA GLY B 57 20.83 29.11 -30.10
C GLY B 57 21.22 28.38 -28.84
N GLN B 58 22.15 28.95 -28.08
CA GLN B 58 22.58 28.33 -26.83
C GLN B 58 21.48 28.39 -25.76
N LEU B 59 20.83 29.56 -25.64
CA LEU B 59 19.75 29.74 -24.67
C LEU B 59 18.59 28.81 -24.97
N GLY B 60 18.25 28.66 -26.25
CA GLY B 60 17.16 27.78 -26.66
C GLY B 60 17.37 26.32 -26.31
N ALA B 61 18.62 25.86 -26.34
CA ALA B 61 18.92 24.46 -26.01
C ALA B 61 18.72 24.22 -24.52
N VAL B 62 19.13 25.20 -23.72
CA VAL B 62 18.93 25.12 -22.28
C VAL B 62 17.44 25.15 -21.98
N THR B 63 16.72 26.03 -22.69
CA THR B 63 15.28 26.17 -22.51
C THR B 63 14.52 24.89 -22.88
N THR B 64 14.96 24.22 -23.94
CA THR B 64 14.41 22.93 -24.35
C THR B 64 14.55 21.90 -23.21
N GLY B 65 15.61 22.03 -22.43
CA GLY B 65 15.86 21.17 -21.29
C GLY B 65 14.80 21.25 -20.20
N LEU B 66 14.09 22.38 -20.12
CA LEU B 66 13.00 22.48 -19.16
C LEU B 66 11.80 21.66 -19.60
N GLY B 67 11.62 21.58 -20.92
CA GLY B 67 10.46 20.93 -21.50
C GLY B 67 9.16 21.65 -21.13
N GLY B 68 8.06 20.91 -21.11
CA GLY B 68 6.76 21.46 -20.77
C GLY B 68 6.35 22.64 -21.64
N GLY B 69 6.84 22.67 -22.87
CA GLY B 69 6.49 23.73 -23.81
C GLY B 69 7.29 25.01 -23.68
N ALA B 70 8.26 25.05 -22.78
CA ALA B 70 9.13 26.24 -22.67
C ALA B 70 9.84 26.48 -24.00
N ALA B 71 9.92 27.74 -24.42
CA ALA B 71 10.48 28.06 -25.72
C ALA B 71 10.85 29.52 -25.86
N ILE B 72 11.61 29.82 -26.91
CA ILE B 72 11.93 31.20 -27.28
C ILE B 72 11.22 31.53 -28.58
N ASP B 73 10.38 32.57 -28.56
CA ASP B 73 9.67 33.00 -29.75
C ASP B 73 10.66 33.41 -30.81
N PRO B 74 10.63 32.73 -31.97
CA PRO B 74 11.57 32.98 -33.07
C PRO B 74 11.45 34.40 -33.68
N LYS B 75 10.39 35.12 -33.35
CA LYS B 75 10.19 36.45 -33.91
C LYS B 75 10.43 37.56 -32.89
N THR B 76 9.91 37.40 -31.67
CA THR B 76 10.01 38.46 -30.67
C THR B 76 11.08 38.21 -29.60
N GLY B 77 11.57 36.98 -29.51
CA GLY B 77 12.57 36.63 -28.52
C GLY B 77 11.97 36.38 -27.14
N ALA B 78 10.66 36.60 -27.00
CA ALA B 78 9.96 36.37 -25.74
C ALA B 78 10.06 34.90 -25.33
N VAL B 79 10.28 34.66 -24.03
CA VAL B 79 10.43 33.29 -23.53
C VAL B 79 9.11 32.78 -22.96
N THR B 80 8.65 31.65 -23.47
CA THR B 80 7.44 30.98 -22.97
C THR B 80 7.78 30.10 -21.78
N ALA B 81 7.09 30.28 -20.66
CA ALA B 81 7.33 29.47 -19.46
C ALA B 81 6.99 28.01 -19.68
N PRO B 82 7.64 27.10 -18.92
CA PRO B 82 7.15 25.72 -18.98
C PRO B 82 5.79 25.60 -18.28
N SER B 83 5.04 24.57 -18.63
CA SER B 83 3.79 24.28 -17.96
C SER B 83 3.77 22.79 -17.62
N TYR B 84 3.78 22.49 -16.32
CA TYR B 84 3.88 21.10 -15.87
C TYR B 84 2.57 20.67 -15.25
N THR B 85 2.08 19.49 -15.61
CA THR B 85 0.82 18.98 -15.06
C THR B 85 1.09 18.17 -13.80
N VAL B 86 0.44 18.57 -12.70
CA VAL B 86 0.53 17.82 -11.46
C VAL B 86 -0.86 17.34 -11.04
N TYR B 87 -0.88 16.28 -10.25
CA TYR B 87 -2.12 15.57 -9.94
C TYR B 87 -2.58 15.86 -8.51
N ASN B 88 -3.74 16.48 -8.38
CA ASN B 88 -4.32 16.71 -7.06
C ASN B 88 -4.92 15.41 -6.53
N ALA B 89 -5.40 15.46 -5.29
CA ALA B 89 -5.97 14.28 -4.63
C ALA B 89 -7.48 14.15 -4.81
N ASP B 90 -8.09 15.09 -5.54
CA ASP B 90 -9.54 15.20 -5.65
C ASP B 90 -10.07 14.90 -7.04
N GLY B 91 -9.34 14.11 -7.81
CA GLY B 91 -9.76 13.79 -9.17
C GLY B 91 -9.46 14.85 -10.22
N THR B 92 -8.73 15.90 -9.84
CA THR B 92 -8.35 16.95 -10.78
C THR B 92 -6.84 17.05 -10.90
N THR B 93 -6.40 17.81 -11.90
CA THR B 93 -4.99 18.19 -12.06
C THR B 93 -4.87 19.71 -12.02
N SER B 94 -3.65 20.20 -11.83
CA SER B 94 -3.36 21.62 -12.00
C SER B 94 -2.12 21.77 -12.86
N ASN B 95 -1.93 22.92 -13.45
CA ASN B 95 -0.68 23.22 -14.17
C ASN B 95 0.14 24.23 -13.41
N VAL B 96 1.44 24.02 -13.32
CA VAL B 96 2.33 24.94 -12.62
C VAL B 96 3.41 25.39 -13.58
N GLY B 97 3.98 26.57 -13.33
CA GLY B 97 4.90 27.21 -14.26
C GLY B 97 6.38 27.16 -13.94
N ASN B 98 6.76 26.38 -12.92
CA ASN B 98 8.18 26.19 -12.62
C ASN B 98 8.45 24.84 -11.96
N VAL B 99 9.71 24.39 -12.01
CA VAL B 99 10.04 23.04 -11.55
C VAL B 99 9.86 22.91 -10.04
N GLY B 100 10.26 23.95 -9.31
CA GLY B 100 10.14 23.94 -7.86
C GLY B 100 8.70 23.71 -7.42
N ALA B 101 7.75 24.32 -8.11
CA ALA B 101 6.34 24.16 -7.77
C ALA B 101 5.87 22.74 -8.03
N ALA B 102 6.43 22.10 -9.05
CA ALA B 102 6.06 20.72 -9.36
C ALA B 102 6.55 19.77 -8.29
N ILE B 103 7.78 19.98 -7.84
CA ILE B 103 8.37 19.16 -6.76
C ILE B 103 7.60 19.34 -5.45
N ASP B 104 7.18 20.57 -5.16
CA ASP B 104 6.40 20.82 -3.96
C ASP B 104 5.03 20.15 -4.02
N ALA B 105 4.40 20.13 -5.20
CA ALA B 105 3.12 19.44 -5.37
C ALA B 105 3.31 17.94 -5.18
N ILE B 106 4.38 17.40 -5.79
CA ILE B 106 4.69 15.97 -5.65
C ILE B 106 4.84 15.61 -4.17
N ASN B 107 5.42 16.52 -3.41
CA ASN B 107 5.67 16.30 -1.98
C ASN B 107 4.57 16.85 -1.06
N SER B 108 3.38 17.04 -1.60
CA SER B 108 2.27 17.50 -0.76
C SER B 108 0.99 16.81 -1.18
N THR B 109 0.58 16.99 -2.43
CA THR B 109 -0.63 16.33 -2.92
C THR B 109 -0.35 14.97 -3.58
N GLY B 110 0.92 14.68 -3.88
CA GLY B 110 1.30 13.37 -4.38
C GLY B 110 1.51 13.24 -5.88
N ILE B 111 1.42 12.02 -6.40
CA ILE B 111 1.59 11.74 -7.82
C ILE B 111 0.43 10.88 -8.31
N LYS B 112 0.27 10.75 -9.63
CA LYS B 112 -0.82 9.92 -10.15
C LYS B 112 -0.75 8.52 -9.55
N TYR B 113 -1.90 8.05 -9.08
CA TYR B 113 -2.09 6.71 -8.47
C TYR B 113 -1.53 6.57 -7.05
N PHE B 114 -0.86 7.59 -6.53
CA PHE B 114 -0.34 7.56 -5.15
C PHE B 114 -0.59 8.90 -4.47
N HIS B 115 -1.72 8.98 -3.77
CA HIS B 115 -2.15 10.22 -3.11
C HIS B 115 -2.40 10.03 -1.60
N ALA B 116 -1.83 10.94 -0.82
CA ALA B 116 -2.25 11.11 0.57
C ALA B 116 -2.78 12.54 0.78
N ASN B 117 -3.98 12.67 1.32
CA ASN B 117 -4.61 13.98 1.53
C ASN B 117 -4.33 14.46 2.95
N SER B 118 -3.24 15.19 3.16
CA SER B 118 -2.82 15.53 4.52
C SER B 118 -1.85 16.71 4.59
N THR B 119 -1.75 17.33 5.77
CA THR B 119 -0.74 18.34 6.03
C THR B 119 -0.01 17.98 7.33
N LYS B 120 -0.27 16.78 7.84
CA LYS B 120 0.35 16.29 9.06
C LYS B 120 1.76 15.75 8.77
N PRO B 121 2.55 15.44 9.81
CA PRO B 121 3.94 15.03 9.55
C PRO B 121 4.12 13.80 8.66
N ASP B 122 5.28 13.76 8.02
CA ASP B 122 5.67 12.69 7.07
C ASP B 122 5.62 11.31 7.72
N SER B 123 5.48 10.29 6.88
CA SER B 123 5.68 8.92 7.32
C SER B 123 7.17 8.71 7.53
N GLN B 124 7.53 7.65 8.26
CA GLN B 124 8.92 7.28 8.47
C GLN B 124 9.12 5.80 8.25
N ALA B 125 9.98 5.45 7.29
CA ALA B 125 10.38 4.06 7.07
C ALA B 125 11.75 3.88 7.72
N LEU B 126 11.74 3.47 8.99
CA LEU B 126 12.99 3.43 9.78
C LEU B 126 13.70 2.09 9.68
N GLY B 127 12.93 1.00 9.56
CA GLY B 127 13.54 -0.30 9.38
C GLY B 127 14.19 -0.50 8.02
N ALA B 128 15.22 -1.34 7.97
CA ALA B 128 15.86 -1.65 6.69
C ALA B 128 14.83 -2.28 5.74
N ASP B 129 14.79 -1.79 4.51
CA ASP B 129 13.86 -2.30 3.49
C ASP B 129 12.40 -2.18 3.92
N SER B 130 12.11 -1.22 4.80
CA SER B 130 10.74 -1.01 5.24
C SER B 130 10.00 0.00 4.36
N VAL B 131 8.67 0.02 4.48
CA VAL B 131 7.80 0.90 3.72
C VAL B 131 6.85 1.58 4.67
N ALA B 132 6.71 2.90 4.57
CA ALA B 132 5.80 3.64 5.44
C ALA B 132 4.96 4.61 4.61
N ILE B 133 3.63 4.50 4.74
CA ILE B 133 2.69 5.20 3.87
C ILE B 133 1.61 5.93 4.68
N GLY B 134 1.56 7.24 4.54
CA GLY B 134 0.54 8.07 5.18
C GLY B 134 1.07 8.94 6.33
N PRO B 135 0.34 10.00 6.69
CA PRO B 135 0.82 10.91 7.75
C PRO B 135 1.00 10.17 9.07
N ASN B 136 2.09 10.45 9.78
CA ASN B 136 2.39 9.83 11.09
C ASN B 136 2.55 8.30 11.06
N ALA B 137 2.68 7.71 9.88
CA ALA B 137 2.94 6.28 9.80
C ALA B 137 4.42 5.99 10.11
N VAL B 138 4.68 4.91 10.85
CA VAL B 138 6.06 4.54 11.20
C VAL B 138 6.28 3.05 11.03
N ALA B 139 7.23 2.68 10.17
CA ALA B 139 7.63 1.28 10.04
C ALA B 139 8.94 1.09 10.77
N ASN B 140 8.90 0.41 11.91
CA ASN B 140 10.01 0.44 12.84
C ASN B 140 11.10 -0.59 12.58
N ASN B 141 10.73 -1.74 12.02
CA ASN B 141 11.68 -2.85 11.90
C ASN B 141 11.96 -3.29 10.47
N ALA B 142 13.06 -4.01 10.29
CA ALA B 142 13.44 -4.56 8.98
C ALA B 142 12.25 -5.23 8.29
N GLY B 143 12.00 -4.81 7.05
CA GLY B 143 10.95 -5.39 6.23
C GLY B 143 9.52 -5.05 6.59
N ASP B 144 9.31 -4.21 7.61
CA ASP B 144 7.96 -3.83 8.01
C ASP B 144 7.24 -2.97 6.96
N VAL B 145 5.91 -2.96 7.04
CA VAL B 145 5.07 -2.04 6.27
C VAL B 145 4.10 -1.32 7.20
N ALA B 146 4.11 0.01 7.16
CA ALA B 146 3.14 0.80 7.90
C ALA B 146 2.18 1.42 6.89
N LEU B 147 0.89 1.06 6.99
CA LEU B 147 -0.09 1.47 5.99
C LEU B 147 -1.23 2.26 6.61
N GLY B 148 -1.20 3.57 6.41
CA GLY B 148 -2.31 4.44 6.80
C GLY B 148 -1.93 5.52 7.80
N SER B 149 -2.78 6.53 7.92
CA SER B 149 -2.56 7.63 8.87
C SER B 149 -2.45 7.09 10.30
N GLY B 150 -1.30 7.35 10.93
CA GLY B 150 -1.07 6.88 12.28
C GLY B 150 -0.84 5.36 12.41
N ALA B 151 -0.52 4.70 11.31
CA ALA B 151 -0.22 3.26 11.39
C ALA B 151 1.22 3.05 11.86
N VAL B 152 1.40 2.26 12.92
CA VAL B 152 2.72 2.06 13.54
C VAL B 152 3.00 0.58 13.74
N THR B 153 4.19 0.11 13.37
CA THR B 153 4.53 -1.30 13.51
C THR B 153 5.28 -1.57 14.81
N SER B 154 5.14 -2.79 15.30
CA SER B 154 6.00 -3.33 16.36
C SER B 154 6.61 -4.64 15.83
N GLN B 155 7.68 -5.12 16.46
CA GLN B 155 8.39 -6.26 15.90
C GLN B 155 7.48 -7.49 15.76
N ALA B 156 7.58 -8.16 14.61
CA ALA B 156 6.71 -9.28 14.31
C ALA B 156 7.09 -10.52 15.09
N GLY B 157 6.10 -11.36 15.35
CA GLY B 157 6.30 -12.61 16.04
C GLY B 157 5.43 -13.70 15.45
N GLY B 158 5.94 -14.93 15.43
CA GLY B 158 5.22 -16.05 14.85
C GLY B 158 4.26 -16.74 15.81
N THR B 159 3.24 -17.36 15.24
CA THR B 159 2.29 -18.18 15.98
C THR B 159 2.29 -19.57 15.34
N LEU B 160 2.64 -20.60 16.11
CA LEU B 160 2.88 -21.94 15.58
C LEU B 160 1.63 -22.82 15.49
N SER B 161 0.72 -22.68 16.44
CA SER B 161 -0.38 -23.63 16.56
C SER B 161 -1.46 -23.19 17.54
N GLU B 162 -2.55 -23.96 17.60
CA GLU B 162 -3.57 -23.77 18.62
C GLU B 162 -3.89 -25.14 19.22
N THR B 163 -4.24 -25.17 20.49
CA THR B 163 -4.60 -26.44 21.12
C THR B 163 -6.09 -26.43 21.52
N ILE B 164 -6.85 -27.37 20.96
CA ILE B 164 -8.28 -27.47 21.23
C ILE B 164 -8.64 -28.89 21.65
N ASN B 165 -9.30 -29.02 22.80
CA ASN B 165 -9.63 -30.32 23.38
C ASN B 165 -8.41 -31.24 23.45
N GLY B 166 -7.27 -30.65 23.82
CA GLY B 166 -6.04 -31.41 24.03
C GLY B 166 -5.36 -31.92 22.77
N VAL B 167 -5.80 -31.42 21.61
CA VAL B 167 -5.17 -31.75 20.33
C VAL B 167 -4.51 -30.48 19.75
N THR B 168 -3.29 -30.61 19.24
CA THR B 168 -2.57 -29.46 18.72
C THR B 168 -2.68 -29.38 17.20
N TYR B 169 -3.15 -28.24 16.69
CA TYR B 169 -3.31 -28.04 15.26
C TYR B 169 -2.28 -27.02 14.77
N SER B 170 -1.41 -27.45 13.88
CA SER B 170 -0.30 -26.60 13.44
C SER B 170 -0.69 -25.67 12.31
N PHE B 171 -0.02 -24.52 12.23
CA PHE B 171 -0.38 -23.48 11.28
C PHE B 171 0.62 -23.37 10.13
N ALA B 172 0.21 -22.67 9.06
CA ALA B 172 1.09 -22.31 7.96
C ALA B 172 1.55 -20.86 8.14
N GLY B 173 2.75 -20.53 7.68
CA GLY B 173 3.27 -19.17 7.81
C GLY B 173 3.64 -18.82 9.25
N THR B 174 4.49 -19.65 9.86
CA THR B 174 4.81 -19.50 11.28
C THR B 174 6.09 -18.67 11.53
N THR B 175 6.77 -18.30 10.46
CA THR B 175 8.01 -17.51 10.60
C THR B 175 7.95 -16.22 9.80
N PRO B 176 7.24 -15.20 10.33
CA PRO B 176 7.07 -13.94 9.62
C PRO B 176 8.38 -13.17 9.45
N ILE B 177 8.58 -12.58 8.28
CA ILE B 177 9.75 -11.74 8.02
C ILE B 177 9.56 -10.32 8.57
N GLY B 178 8.31 -9.95 8.86
CA GLY B 178 7.95 -8.63 9.36
C GLY B 178 6.44 -8.54 9.53
N THR B 179 5.92 -7.33 9.74
CA THR B 179 4.48 -7.13 9.85
C THR B 179 3.98 -5.99 8.96
N VAL B 180 2.73 -6.09 8.55
CA VAL B 180 2.00 -4.98 7.94
C VAL B 180 1.07 -4.45 9.02
N SER B 181 1.32 -3.25 9.53
CA SER B 181 0.39 -2.66 10.49
C SER B 181 -0.55 -1.68 9.79
N VAL B 182 -1.86 -1.81 10.05
CA VAL B 182 -2.82 -0.87 9.47
C VAL B 182 -3.39 0.08 10.52
N GLY B 183 -2.70 0.17 11.66
CA GLY B 183 -3.13 1.07 12.72
C GLY B 183 -2.19 1.07 13.92
N ALA B 184 -2.78 1.25 15.10
CA ALA B 184 -2.07 1.19 16.36
C ALA B 184 -3.09 0.83 17.43
N PRO B 185 -2.65 0.44 18.64
CA PRO B 185 -3.62 0.08 19.68
C PRO B 185 -4.63 1.21 19.98
N GLY B 186 -5.91 0.87 19.94
CA GLY B 186 -6.96 1.85 20.15
C GLY B 186 -7.35 2.62 18.90
N VAL B 187 -6.50 2.55 17.87
CA VAL B 187 -6.83 3.18 16.60
C VAL B 187 -6.59 2.18 15.47
N GLU B 188 -7.25 1.03 15.59
CA GLU B 188 -7.19 -0.03 14.59
C GLU B 188 -8.00 0.31 13.35
N ARG B 189 -7.75 -0.39 12.24
CA ARG B 189 -8.60 -0.28 11.05
C ARG B 189 -9.24 -1.63 10.72
N THR B 190 -10.51 -1.64 10.33
CA THR B 190 -11.07 -2.82 9.66
C THR B 190 -10.39 -2.98 8.31
N ILE B 191 -10.37 -4.20 7.80
CA ILE B 191 -9.95 -4.44 6.43
C ILE B 191 -11.15 -4.98 5.66
N THR B 192 -11.54 -4.27 4.60
CA THR B 192 -12.80 -4.56 3.94
C THR B 192 -12.63 -4.99 2.49
N ASN B 193 -13.67 -5.66 1.99
CA ASN B 193 -13.74 -6.18 0.61
C ASN B 193 -12.68 -7.24 0.34
N VAL B 194 -12.54 -8.13 1.33
CA VAL B 194 -11.59 -9.23 1.29
C VAL B 194 -12.30 -10.48 0.76
N ALA B 195 -11.78 -11.03 -0.33
CA ALA B 195 -12.37 -12.24 -0.91
C ALA B 195 -12.08 -13.44 -0.01
N ALA B 196 -12.98 -14.42 0.02
CA ALA B 196 -12.77 -15.59 0.86
C ALA B 196 -11.45 -16.31 0.52
N GLY B 197 -10.70 -16.69 1.57
CA GLY B 197 -9.42 -17.36 1.40
C GLY B 197 -9.50 -18.88 1.43
N ARG B 198 -8.47 -19.53 0.90
CA ARG B 198 -8.40 -20.99 0.95
C ARG B 198 -8.38 -21.46 2.39
N ILE B 199 -9.11 -22.54 2.68
CA ILE B 199 -9.13 -23.12 4.01
C ILE B 199 -8.52 -24.52 3.97
N GLY B 200 -7.32 -24.66 4.49
CA GLY B 200 -6.59 -25.91 4.42
C GLY B 200 -5.32 -25.80 5.24
N GLN B 201 -4.62 -26.92 5.44
CA GLN B 201 -3.47 -26.94 6.34
C GLN B 201 -2.32 -26.05 5.86
N SER B 202 -2.22 -25.81 4.56
CA SER B 202 -1.10 -25.01 4.06
C SER B 202 -1.50 -23.57 3.71
N SER B 203 -2.72 -23.15 4.05
CA SER B 203 -3.21 -21.85 3.58
C SER B 203 -2.65 -20.66 4.36
N THR B 204 -2.05 -19.72 3.63
CA THR B 204 -1.66 -18.45 4.22
C THR B 204 -2.56 -17.31 3.66
N ASP B 205 -3.75 -17.68 3.21
CA ASP B 205 -4.74 -16.67 2.78
C ASP B 205 -5.48 -16.08 4.00
N ALA B 206 -5.78 -14.78 3.98
CA ALA B 206 -6.62 -14.21 5.01
C ALA B 206 -8.06 -14.74 4.91
N ILE B 207 -8.77 -14.82 6.03
CA ILE B 207 -10.16 -15.30 6.00
C ILE B 207 -11.11 -14.12 6.23
N ASN B 208 -12.33 -14.21 5.72
CA ASN B 208 -13.28 -13.13 5.97
C ASN B 208 -14.44 -13.61 6.85
N GLY B 209 -15.30 -12.67 7.26
CA GLY B 209 -16.33 -12.98 8.25
C GLY B 209 -17.34 -14.03 7.86
N SER B 210 -17.56 -14.20 6.56
CA SER B 210 -18.52 -15.21 6.12
C SER B 210 -17.97 -16.61 6.38
N GLN B 211 -16.64 -16.71 6.39
CA GLN B 211 -15.98 -18.00 6.62
C GLN B 211 -16.07 -18.41 8.08
N LEU B 212 -15.79 -17.48 8.99
CA LEU B 212 -15.96 -17.74 10.42
C LEU B 212 -17.45 -17.96 10.73
N TYR B 213 -18.32 -17.23 10.04
CA TYR B 213 -19.77 -17.44 10.23
C TYR B 213 -20.16 -18.90 9.96
N GLY B 214 -19.70 -19.45 8.84
CA GLY B 214 -20.00 -20.84 8.52
C GLY B 214 -19.57 -21.79 9.62
N THR B 215 -18.38 -21.52 10.17
CA THR B 215 -17.82 -22.36 11.21
C THR B 215 -18.65 -22.22 12.49
N ASN B 216 -19.03 -20.99 12.83
CA ASN B 216 -19.89 -20.77 13.98
C ASN B 216 -21.22 -21.50 13.83
N GLN B 217 -21.78 -21.50 12.62
CA GLN B 217 -23.05 -22.21 12.37
C GLN B 217 -22.91 -23.71 12.58
N SER B 218 -21.76 -24.24 12.20
CA SER B 218 -21.51 -25.68 12.33
C SER B 218 -21.50 -26.05 13.81
N ILE B 219 -21.02 -25.14 14.65
CA ILE B 219 -20.96 -25.41 16.08
C ILE B 219 -22.37 -25.49 16.67
N GLU B 220 -23.22 -24.54 16.30
CA GLU B 220 -24.60 -24.56 16.82
C GLU B 220 -25.40 -25.74 16.25
N ALA B 221 -25.16 -26.08 14.98
CA ALA B 221 -25.83 -27.22 14.36
C ALA B 221 -25.42 -28.51 15.04
N LEU B 222 -24.14 -28.63 15.39
CA LEU B 222 -23.67 -29.80 16.13
C LEU B 222 -24.37 -29.86 17.48
N THR B 223 -24.59 -28.68 18.06
CA THR B 223 -25.22 -28.56 19.36
C THR B 223 -26.71 -28.97 19.32
N ASP B 224 -27.41 -28.60 18.25
CA ASP B 224 -28.79 -29.07 18.04
C ASP B 224 -28.82 -30.60 17.95
N LYS B 225 -27.83 -31.15 17.25
CA LYS B 225 -27.71 -32.60 17.09
C LYS B 225 -27.47 -33.27 18.44
N MET B 226 -26.67 -32.62 19.28
CA MET B 226 -26.39 -33.16 20.60
C MET B 226 -27.63 -33.08 21.49
N ASN B 227 -28.38 -31.99 21.37
CA ASN B 227 -29.61 -31.82 22.15
C ASN B 227 -30.64 -32.90 21.80
N SER B 228 -30.71 -33.22 20.51
CA SER B 228 -31.57 -34.30 20.01
C SER B 228 -31.14 -35.64 20.61
N LEU B 229 -29.82 -35.87 20.61
CA LEU B 229 -29.25 -37.07 21.21
C LEU B 229 -29.66 -37.19 22.67
N GLY B 230 -29.39 -36.14 23.44
CA GLY B 230 -29.75 -36.14 24.85
C GLY B 230 -31.23 -36.38 25.11
N ASN B 231 -32.08 -35.79 24.27
CA ASN B 231 -33.52 -35.91 24.45
C ASN B 231 -34.05 -37.29 24.07
N THR B 232 -33.64 -37.79 22.91
CA THR B 232 -34.04 -39.13 22.47
C THR B 232 -33.46 -40.20 23.39
N VAL B 233 -32.29 -39.94 23.96
CA VAL B 233 -31.70 -40.88 24.91
C VAL B 233 -32.52 -40.90 26.20
N ALA B 234 -32.96 -39.72 26.63
CA ALA B 234 -33.81 -39.61 27.81
C ALA B 234 -35.12 -40.41 27.65
N ASN B 235 -35.69 -40.37 26.45
CA ASN B 235 -36.96 -41.05 26.18
C ASN B 235 -36.89 -42.57 26.28
N THR B 236 -35.72 -43.13 26.01
CA THR B 236 -35.54 -44.58 26.04
C THR B 236 -35.52 -45.11 27.48
N LEU B 237 -35.31 -44.20 28.43
CA LEU B 237 -35.14 -44.56 29.84
C LEU B 237 -36.48 -44.67 30.57
N ALA B 241 -37.24 -39.51 33.77
CA ALA B 241 -36.04 -39.23 32.97
C ALA B 241 -36.19 -37.92 32.21
N SER B 242 -35.12 -37.14 32.15
CA SER B 242 -35.13 -35.85 31.47
C SER B 242 -33.73 -35.42 31.01
N TYR B 243 -33.68 -34.50 30.05
CA TYR B 243 -32.42 -33.99 29.53
C TYR B 243 -32.30 -32.48 29.75
N ASN B 244 -31.12 -32.05 30.19
CA ASN B 244 -30.86 -30.65 30.49
C ASN B 244 -29.91 -30.02 29.46
N PRO B 245 -30.45 -29.16 28.58
CA PRO B 245 -29.60 -28.48 27.59
C PRO B 245 -28.60 -27.51 28.24
N GLN B 246 -28.85 -27.09 29.47
CA GLN B 246 -27.97 -26.14 30.18
C GLN B 246 -26.62 -26.74 30.53
N THR B 247 -26.61 -28.03 30.88
CA THR B 247 -25.41 -28.71 31.36
C THR B 247 -25.05 -29.94 30.53
N GLY B 248 -26.00 -30.42 29.74
CA GLY B 248 -25.82 -31.63 28.96
C GLY B 248 -26.31 -32.91 29.64
N ALA B 249 -26.73 -32.78 30.90
CA ALA B 249 -27.07 -33.94 31.74
C ALA B 249 -28.36 -34.68 31.33
N VAL B 250 -28.29 -36.02 31.35
CA VAL B 250 -29.49 -36.86 31.16
C VAL B 250 -29.89 -37.54 32.47
N GLY C 37 39.89 44.59 -17.69
CA GLY C 37 38.96 43.55 -17.29
C GLY C 37 37.70 43.52 -18.13
N PRO C 38 36.86 42.49 -17.93
CA PRO C 38 35.59 42.41 -18.66
C PRO C 38 34.64 43.57 -18.34
N VAL C 39 33.83 43.95 -19.34
CA VAL C 39 32.88 45.03 -19.18
C VAL C 39 31.51 44.54 -19.64
N ALA C 40 30.45 44.99 -18.96
CA ALA C 40 29.08 44.64 -19.34
C ALA C 40 28.69 45.27 -20.68
N LEU C 41 27.89 44.57 -21.46
CA LEU C 41 27.32 45.13 -22.68
C LEU C 41 25.89 45.59 -22.41
N HIS C 42 25.64 46.89 -22.57
CA HIS C 42 24.35 47.47 -22.25
C HIS C 42 23.50 47.73 -23.48
N ASN C 43 22.21 48.00 -23.25
CA ASN C 43 21.27 48.40 -24.28
C ASN C 43 21.10 47.35 -25.38
N VAL C 44 21.00 46.09 -24.95
CA VAL C 44 20.86 44.96 -25.85
C VAL C 44 19.41 44.48 -25.86
N ALA C 45 18.77 44.53 -27.03
CA ALA C 45 17.40 44.04 -27.20
C ALA C 45 17.33 42.51 -27.18
N PRO C 46 16.13 41.94 -26.93
CA PRO C 46 16.05 40.47 -26.91
C PRO C 46 16.47 39.87 -28.23
N GLY C 47 17.28 38.81 -28.19
CA GLY C 47 17.73 38.17 -29.41
C GLY C 47 16.62 37.34 -30.04
N THR C 48 16.60 37.28 -31.37
CA THR C 48 15.57 36.51 -32.06
C THR C 48 16.17 35.45 -32.98
N ALA C 49 17.10 35.87 -33.83
CA ALA C 49 17.83 34.93 -34.67
C ALA C 49 18.78 34.12 -33.80
N SER C 50 19.11 32.90 -34.24
CA SER C 50 19.89 31.99 -33.43
C SER C 50 21.29 32.52 -33.16
N THR C 51 21.78 33.41 -34.03
CA THR C 51 23.08 34.04 -33.83
C THR C 51 23.00 35.45 -33.22
N ASP C 52 21.85 35.80 -32.67
CA ASP C 52 21.72 37.04 -31.89
C ASP C 52 22.20 36.84 -30.45
N ALA C 53 22.63 37.92 -29.82
CA ALA C 53 22.96 37.89 -28.40
C ALA C 53 21.68 37.74 -27.57
N VAL C 54 21.83 37.22 -26.35
CA VAL C 54 20.74 37.07 -25.41
C VAL C 54 20.84 38.11 -24.30
N ASN C 55 19.72 38.70 -23.86
CA ASN C 55 19.84 39.62 -22.73
C ASN C 55 19.34 39.04 -21.40
N VAL C 56 19.53 39.78 -20.32
CA VAL C 56 19.23 39.27 -18.97
C VAL C 56 17.73 39.00 -18.79
N GLY C 57 16.87 39.84 -19.37
CA GLY C 57 15.45 39.60 -19.35
C GLY C 57 15.08 38.23 -19.88
N GLN C 58 15.77 37.82 -20.95
CA GLN C 58 15.56 36.48 -21.52
C GLN C 58 16.09 35.35 -20.63
N LEU C 59 17.33 35.47 -20.16
CA LEU C 59 17.89 34.44 -19.27
C LEU C 59 17.06 34.33 -17.99
N GLY C 60 16.60 35.47 -17.47
CA GLY C 60 15.82 35.49 -16.24
C GLY C 60 14.51 34.73 -16.31
N ALA C 61 13.91 34.75 -17.50
CA ALA C 61 12.68 34.00 -17.72
C ALA C 61 12.95 32.51 -17.58
N VAL C 62 14.11 32.07 -18.05
CA VAL C 62 14.50 30.67 -17.97
C VAL C 62 14.84 30.27 -16.54
N THR C 63 15.59 31.12 -15.84
CA THR C 63 15.87 30.87 -14.42
C THR C 63 14.59 30.85 -13.59
N THR C 64 13.61 31.65 -13.99
CA THR C 64 12.31 31.63 -13.30
C THR C 64 11.65 30.25 -13.49
N GLY C 65 11.92 29.62 -14.64
CA GLY C 65 11.37 28.32 -14.96
C GLY C 65 11.88 27.22 -14.05
N LEU C 66 13.11 27.36 -13.59
CA LEU C 66 13.65 26.43 -12.62
C LEU C 66 12.91 26.55 -11.28
N GLY C 67 12.55 27.78 -10.89
CA GLY C 67 11.93 28.01 -9.59
C GLY C 67 12.89 27.76 -8.45
N GLY C 68 12.35 27.45 -7.28
CA GLY C 68 13.17 27.17 -6.10
C GLY C 68 14.08 28.34 -5.74
N GLY C 69 13.66 29.54 -6.12
CA GLY C 69 14.41 30.75 -5.81
C GLY C 69 15.57 31.08 -6.73
N ALA C 70 15.75 30.30 -7.80
CA ALA C 70 16.78 30.62 -8.80
C ALA C 70 16.56 32.02 -9.39
N ALA C 71 17.63 32.81 -9.52
CA ALA C 71 17.47 34.21 -9.89
C ALA C 71 18.81 34.81 -10.32
N ILE C 72 18.74 35.98 -10.96
CA ILE C 72 19.94 36.70 -11.36
C ILE C 72 20.09 37.92 -10.46
N ASP C 73 21.25 38.09 -9.82
CA ASP C 73 21.48 39.19 -8.90
C ASP C 73 21.62 40.49 -9.68
N PRO C 74 20.91 41.55 -9.26
CA PRO C 74 20.92 42.80 -10.04
C PRO C 74 22.20 43.64 -9.88
N LYS C 75 23.02 43.33 -8.88
CA LYS C 75 24.26 44.07 -8.68
C LYS C 75 25.45 43.41 -9.39
N THR C 76 25.49 42.08 -9.30
CA THR C 76 26.65 41.33 -9.77
C THR C 76 26.38 40.46 -11.00
N GLY C 77 25.10 40.16 -11.25
CA GLY C 77 24.72 39.28 -12.34
C GLY C 77 24.97 37.81 -11.99
N ALA C 78 25.36 37.55 -10.76
CA ALA C 78 25.57 36.17 -10.32
C ALA C 78 24.24 35.43 -10.33
N VAL C 79 24.26 34.16 -10.74
CA VAL C 79 23.06 33.34 -10.77
C VAL C 79 22.93 32.48 -9.53
N THR C 80 21.82 32.61 -8.82
CA THR C 80 21.58 31.77 -7.66
C THR C 80 21.01 30.43 -8.10
N ALA C 81 21.53 29.36 -7.52
CA ALA C 81 21.05 28.02 -7.80
C ALA C 81 19.66 27.82 -7.22
N PRO C 82 18.83 26.99 -7.89
CA PRO C 82 17.56 26.67 -7.25
C PRO C 82 17.80 25.85 -5.99
N SER C 83 16.84 25.87 -5.07
CA SER C 83 16.93 25.01 -3.91
C SER C 83 15.61 24.26 -3.80
N TYR C 84 15.70 22.93 -3.92
CA TYR C 84 14.50 22.08 -3.90
C TYR C 84 14.49 21.22 -2.65
N THR C 85 13.35 21.16 -1.96
CA THR C 85 13.23 20.37 -0.74
C THR C 85 12.75 18.97 -1.06
N VAL C 86 13.51 17.96 -0.64
CA VAL C 86 13.12 16.57 -0.84
C VAL C 86 12.97 15.90 0.53
N TYR C 87 12.20 14.82 0.59
CA TYR C 87 11.83 14.26 1.89
C TYR C 87 12.55 12.93 2.09
N ASN C 88 13.29 12.83 3.20
CA ASN C 88 14.01 11.62 3.52
C ASN C 88 13.05 10.63 4.18
N ALA C 89 13.55 9.44 4.49
CA ALA C 89 12.70 8.38 5.02
C ALA C 89 12.71 8.34 6.54
N ASP C 90 13.47 9.24 7.15
CA ASP C 90 13.66 9.25 8.60
C ASP C 90 13.04 10.44 9.29
N GLY C 91 12.11 11.12 8.62
CA GLY C 91 11.38 12.22 9.23
C GLY C 91 12.07 13.55 9.02
N THR C 92 13.12 13.54 8.21
CA THR C 92 13.84 14.78 7.91
C THR C 92 13.73 15.14 6.44
N THR C 93 14.14 16.36 6.10
CA THR C 93 14.19 16.76 4.71
C THR C 93 15.63 17.15 4.31
N SER C 94 15.88 17.27 3.01
CA SER C 94 17.14 17.81 2.51
C SER C 94 16.86 18.81 1.41
N ASN C 95 17.75 19.77 1.21
CA ASN C 95 17.66 20.64 0.04
C ASN C 95 18.72 20.30 -1.00
N VAL C 96 18.33 20.24 -2.26
CA VAL C 96 19.28 19.96 -3.33
C VAL C 96 19.28 21.10 -4.35
N GLY C 97 20.41 21.23 -5.06
CA GLY C 97 20.68 22.41 -5.86
C GLY C 97 20.48 22.27 -7.36
N ASN C 98 19.94 21.14 -7.79
CA ASN C 98 19.61 20.96 -9.20
C ASN C 98 18.50 19.93 -9.40
N VAL C 99 17.88 19.96 -10.59
CA VAL C 99 16.70 19.14 -10.85
C VAL C 99 17.02 17.65 -10.82
N GLY C 100 18.17 17.27 -11.38
CA GLY C 100 18.56 15.87 -11.43
C GLY C 100 18.67 15.25 -10.05
N ALA C 101 19.24 16.00 -9.12
CA ALA C 101 19.39 15.55 -7.76
C ALA C 101 18.01 15.35 -7.10
N ALA C 102 17.07 16.23 -7.43
CA ALA C 102 15.72 16.10 -6.89
C ALA C 102 15.01 14.87 -7.44
N ILE C 103 15.17 14.61 -8.74
CA ILE C 103 14.59 13.42 -9.36
C ILE C 103 15.22 12.15 -8.78
N ASP C 104 16.53 12.16 -8.59
CA ASP C 104 17.24 11.00 -8.03
C ASP C 104 16.81 10.71 -6.59
N ALA C 105 16.53 11.76 -5.83
CA ALA C 105 16.05 11.58 -4.47
C ALA C 105 14.62 11.01 -4.44
N ILE C 106 13.77 11.52 -5.33
CA ILE C 106 12.41 10.98 -5.48
C ILE C 106 12.49 9.48 -5.81
N ASN C 107 13.48 9.09 -6.61
CA ASN C 107 13.67 7.69 -7.00
C ASN C 107 14.61 6.91 -6.07
N SER C 108 14.74 7.34 -4.83
CA SER C 108 15.54 6.56 -3.89
C SER C 108 14.93 6.63 -2.50
N THR C 109 14.80 7.84 -1.99
CA THR C 109 14.25 8.04 -0.65
C THR C 109 12.73 8.29 -0.66
N GLY C 110 12.17 8.56 -1.85
CA GLY C 110 10.72 8.67 -1.99
C GLY C 110 10.16 10.08 -1.97
N ILE C 111 8.85 10.18 -1.68
CA ILE C 111 8.17 11.48 -1.62
C ILE C 111 7.43 11.55 -0.29
N LYS C 112 6.98 12.74 0.10
CA LYS C 112 6.28 12.89 1.36
C LYS C 112 5.10 11.92 1.40
N TYR C 113 4.99 11.21 2.52
CA TYR C 113 3.95 10.20 2.78
C TYR C 113 4.12 8.86 2.06
N PHE C 114 5.12 8.74 1.18
CA PHE C 114 5.38 7.47 0.48
C PHE C 114 6.88 7.18 0.45
N HIS C 115 7.34 6.46 1.46
CA HIS C 115 8.77 6.16 1.60
C HIS C 115 9.07 4.67 1.68
N ALA C 116 10.10 4.27 0.95
CA ALA C 116 10.73 2.96 1.10
C ALA C 116 12.19 3.20 1.45
N ASN C 117 12.66 2.56 2.52
CA ASN C 117 14.05 2.71 2.95
C ASN C 117 14.89 1.59 2.38
N SER C 118 15.43 1.76 1.17
CA SER C 118 16.14 0.65 0.52
C SER C 118 17.12 1.10 -0.55
N THR C 119 18.08 0.22 -0.85
CA THR C 119 18.93 0.37 -2.02
C THR C 119 18.80 -0.84 -2.93
N LYS C 120 17.86 -1.73 -2.60
CA LYS C 120 17.68 -2.99 -3.32
C LYS C 120 16.87 -2.78 -4.62
N PRO C 121 16.77 -3.82 -5.47
CA PRO C 121 16.10 -3.60 -6.77
C PRO C 121 14.64 -3.11 -6.70
N ASP C 122 14.23 -2.45 -7.79
CA ASP C 122 12.90 -1.84 -7.90
C ASP C 122 11.75 -2.86 -7.82
N SER C 123 10.58 -2.40 -7.38
CA SER C 123 9.37 -3.20 -7.52
C SER C 123 9.00 -3.33 -8.99
N GLN C 124 8.16 -4.30 -9.32
CA GLN C 124 7.67 -4.49 -10.69
C GLN C 124 6.16 -4.69 -10.70
N ALA C 125 5.45 -3.79 -11.36
CA ALA C 125 4.01 -3.93 -11.52
C ALA C 125 3.74 -4.47 -12.92
N LEU C 126 3.70 -5.79 -13.06
CA LEU C 126 3.69 -6.41 -14.37
C LEU C 126 2.27 -6.62 -14.93
N GLY C 127 1.34 -6.95 -14.04
CA GLY C 127 -0.05 -7.11 -14.46
C GLY C 127 -0.72 -5.80 -14.86
N ALA C 128 -1.68 -5.87 -15.77
CA ALA C 128 -2.44 -4.68 -16.16
C ALA C 128 -3.14 -4.11 -14.93
N ASP C 129 -3.00 -2.80 -14.73
CA ASP C 129 -3.61 -2.10 -13.60
C ASP C 129 -3.16 -2.64 -12.24
N SER C 130 -1.98 -3.26 -12.21
CA SER C 130 -1.41 -3.75 -10.95
C SER C 130 -0.60 -2.64 -10.25
N VAL C 131 -0.32 -2.88 -8.97
CA VAL C 131 0.41 -1.95 -8.11
C VAL C 131 1.50 -2.74 -7.40
N ALA C 132 2.73 -2.26 -7.44
CA ALA C 132 3.82 -2.96 -6.73
C ALA C 132 4.64 -2.00 -5.88
N ILE C 133 4.73 -2.28 -4.59
CA ILE C 133 5.29 -1.36 -3.60
C ILE C 133 6.39 -1.99 -2.76
N GLY C 134 7.59 -1.40 -2.80
CA GLY C 134 8.70 -1.85 -1.96
C GLY C 134 9.78 -2.57 -2.76
N PRO C 135 11.00 -2.67 -2.22
CA PRO C 135 12.07 -3.34 -2.98
C PRO C 135 11.75 -4.80 -3.25
N ASN C 136 12.06 -5.28 -4.46
CA ASN C 136 11.85 -6.67 -4.84
C ASN C 136 10.37 -7.12 -4.79
N ALA C 137 9.43 -6.17 -4.71
CA ALA C 137 8.01 -6.56 -4.79
C ALA C 137 7.63 -6.83 -6.25
N VAL C 138 6.77 -7.82 -6.49
CA VAL C 138 6.36 -8.14 -7.85
C VAL C 138 4.87 -8.43 -7.91
N ALA C 139 4.14 -7.61 -8.66
CA ALA C 139 2.72 -7.87 -8.89
C ALA C 139 2.54 -8.49 -10.28
N ASN C 140 2.26 -9.79 -10.31
CA ASN C 140 2.32 -10.53 -11.56
C ASN C 140 1.08 -10.50 -12.45
N ASN C 141 -0.11 -10.33 -11.85
CA ASN C 141 -1.35 -10.47 -12.60
C ASN C 141 -2.21 -9.20 -12.59
N ALA C 142 -3.19 -9.16 -13.49
CA ALA C 142 -4.04 -7.98 -13.62
C ALA C 142 -4.73 -7.68 -12.30
N GLY C 143 -4.73 -6.41 -11.90
CA GLY C 143 -5.40 -5.95 -10.70
C GLY C 143 -4.72 -6.31 -9.39
N ASP C 144 -3.56 -6.98 -9.46
CA ASP C 144 -2.86 -7.40 -8.24
C ASP C 144 -2.24 -6.23 -7.49
N VAL C 145 -2.02 -6.42 -6.19
CA VAL C 145 -1.23 -5.48 -5.40
C VAL C 145 -0.13 -6.28 -4.69
N ALA C 146 1.13 -5.89 -4.87
CA ALA C 146 2.21 -6.43 -4.06
C ALA C 146 2.66 -5.37 -3.05
N LEU C 147 2.52 -5.68 -1.76
CA LEU C 147 2.83 -4.69 -0.72
C LEU C 147 3.92 -5.19 0.22
N GLY C 148 5.13 -4.62 0.10
CA GLY C 148 6.19 -4.95 1.03
C GLY C 148 7.43 -5.48 0.35
N SER C 149 8.58 -5.34 1.01
CA SER C 149 9.82 -5.87 0.47
CA SER C 149 9.83 -5.88 0.51
C SER C 149 9.67 -7.36 0.21
N GLY C 150 9.99 -7.77 -1.02
CA GLY C 150 9.90 -9.16 -1.41
C GLY C 150 8.47 -9.72 -1.38
N ALA C 151 7.47 -8.85 -1.53
CA ALA C 151 6.09 -9.35 -1.64
C ALA C 151 5.80 -9.69 -3.10
N VAL C 152 5.29 -10.89 -3.35
CA VAL C 152 5.03 -11.38 -4.69
C VAL C 152 3.62 -11.99 -4.81
N THR C 153 2.92 -11.70 -5.90
CA THR C 153 1.57 -12.23 -6.09
C THR C 153 1.48 -13.45 -7.04
N SER C 154 0.49 -14.31 -6.80
CA SER C 154 0.10 -15.38 -7.73
C SER C 154 -1.36 -15.13 -8.16
N GLN C 155 -1.82 -15.70 -9.29
CA GLN C 155 -3.18 -15.47 -9.73
C GLN C 155 -4.19 -15.88 -8.65
N ALA C 156 -5.03 -14.92 -8.26
CA ALA C 156 -6.14 -15.15 -7.34
C ALA C 156 -7.16 -16.16 -7.88
N GLY C 157 -7.67 -17.00 -6.99
CA GLY C 157 -8.77 -17.88 -7.32
C GLY C 157 -9.78 -17.87 -6.20
N GLY C 158 -11.06 -18.07 -6.51
CA GLY C 158 -12.11 -17.99 -5.51
C GLY C 158 -12.25 -19.24 -4.67
N THR C 159 -12.71 -19.06 -3.44
CA THR C 159 -13.04 -20.16 -2.55
C THR C 159 -14.53 -20.05 -2.23
N LEU C 160 -15.31 -21.03 -2.67
CA LEU C 160 -16.77 -20.90 -2.66
C LEU C 160 -17.43 -21.27 -1.33
N SER C 161 -16.84 -22.23 -0.65
CA SER C 161 -17.49 -22.80 0.51
C SER C 161 -16.54 -23.62 1.36
N GLU C 162 -17.07 -24.07 2.50
CA GLU C 162 -16.43 -25.09 3.31
C GLU C 162 -17.47 -26.14 3.66
N THR C 163 -17.03 -27.37 3.84
CA THR C 163 -17.93 -28.46 4.25
C THR C 163 -17.51 -29.01 5.61
N ILE C 164 -18.42 -28.93 6.57
CA ILE C 164 -18.16 -29.37 7.94
C ILE C 164 -19.26 -30.35 8.37
N ASN C 165 -18.87 -31.58 8.70
CA ASN C 165 -19.85 -32.63 9.02
C ASN C 165 -20.87 -32.83 7.92
N GLY C 166 -20.39 -32.85 6.67
CA GLY C 166 -21.26 -33.04 5.53
C GLY C 166 -22.21 -31.88 5.20
N VAL C 167 -22.11 -30.78 5.95
CA VAL C 167 -22.93 -29.61 5.66
C VAL C 167 -22.06 -28.53 5.02
N THR C 168 -22.53 -27.96 3.91
CA THR C 168 -21.72 -27.00 3.16
C THR C 168 -22.19 -25.56 3.41
N TYR C 169 -21.25 -24.71 3.82
CA TYR C 169 -21.56 -23.32 4.12
C TYR C 169 -20.92 -22.44 3.06
N SER C 170 -21.73 -21.58 2.45
CA SER C 170 -21.29 -20.78 1.32
C SER C 170 -20.69 -19.48 1.78
N PHE C 171 -19.75 -18.97 1.00
CA PHE C 171 -18.96 -17.81 1.38
C PHE C 171 -19.33 -16.57 0.57
N ALA C 172 -18.94 -15.42 1.10
CA ALA C 172 -19.06 -14.13 0.42
C ALA C 172 -17.74 -13.76 -0.28
N GLY C 173 -17.82 -13.10 -1.43
CA GLY C 173 -16.61 -12.66 -2.14
C GLY C 173 -15.86 -13.83 -2.78
N THR C 174 -16.52 -14.47 -3.75
CA THR C 174 -16.05 -15.74 -4.26
C THR C 174 -15.51 -15.64 -5.68
N THR C 175 -15.43 -14.42 -6.21
CA THR C 175 -14.84 -14.21 -7.52
C THR C 175 -13.85 -13.04 -7.48
N PRO C 176 -12.70 -13.25 -6.83
CA PRO C 176 -11.71 -12.18 -6.64
C PRO C 176 -11.19 -11.58 -7.96
N ILE C 177 -11.08 -10.25 -7.99
CA ILE C 177 -10.54 -9.53 -9.13
C ILE C 177 -9.01 -9.65 -9.19
N GLY C 178 -8.41 -10.05 -8.06
CA GLY C 178 -6.96 -10.15 -7.96
C GLY C 178 -6.58 -10.39 -6.50
N THR C 179 -5.29 -10.32 -6.19
CA THR C 179 -4.87 -10.50 -4.81
C THR C 179 -4.02 -9.35 -4.30
N VAL C 180 -4.05 -9.14 -2.99
CA VAL C 180 -3.05 -8.34 -2.30
C VAL C 180 -2.11 -9.30 -1.60
N SER C 181 -0.86 -9.38 -2.06
CA SER C 181 0.13 -10.19 -1.35
C SER C 181 0.97 -9.33 -0.42
N VAL C 182 1.08 -9.75 0.83
CA VAL C 182 1.93 -9.04 1.78
C VAL C 182 3.24 -9.80 2.00
N GLY C 183 3.57 -10.72 1.09
CA GLY C 183 4.80 -11.46 1.23
C GLY C 183 5.03 -12.52 0.19
N ALA C 184 5.69 -13.60 0.59
CA ALA C 184 5.97 -14.73 -0.29
C ALA C 184 6.18 -15.96 0.58
N PRO C 185 6.20 -17.15 -0.03
CA PRO C 185 6.37 -18.36 0.80
C PRO C 185 7.67 -18.35 1.61
N GLY C 186 7.53 -18.60 2.91
CA GLY C 186 8.65 -18.54 3.84
C GLY C 186 8.98 -17.15 4.34
N VAL C 187 8.45 -16.13 3.66
CA VAL C 187 8.65 -14.74 4.07
C VAL C 187 7.30 -14.01 4.09
N GLU C 188 6.33 -14.66 4.72
CA GLU C 188 5.01 -14.07 4.98
C GLU C 188 5.08 -12.91 5.98
N ARG C 189 4.03 -12.09 6.01
CA ARG C 189 3.93 -11.04 7.03
C ARG C 189 2.66 -11.21 7.85
N THR C 190 2.76 -10.96 9.15
CA THR C 190 1.55 -10.81 9.96
C THR C 190 0.86 -9.52 9.56
N ILE C 191 -0.44 -9.42 9.81
CA ILE C 191 -1.13 -8.15 9.64
C ILE C 191 -1.71 -7.76 10.99
N THR C 192 -1.31 -6.58 11.46
CA THR C 192 -1.55 -6.21 12.85
C THR C 192 -2.38 -4.92 12.97
N ASN C 193 -2.95 -4.74 14.15
CA ASN C 193 -3.88 -3.65 14.47
C ASN C 193 -5.10 -3.67 13.55
N VAL C 194 -5.64 -4.87 13.38
CA VAL C 194 -6.82 -5.10 12.57
C VAL C 194 -8.06 -5.10 13.46
N ALA C 195 -8.98 -4.18 13.20
CA ALA C 195 -10.20 -4.09 13.99
C ALA C 195 -11.13 -5.25 13.67
N ALA C 196 -11.86 -5.73 14.68
CA ALA C 196 -12.75 -6.89 14.47
C ALA C 196 -13.67 -6.67 13.28
N GLY C 197 -13.81 -7.70 12.45
CA GLY C 197 -14.69 -7.65 11.29
C GLY C 197 -16.10 -8.17 11.55
N ARG C 198 -17.06 -7.74 10.74
CA ARG C 198 -18.42 -8.32 10.80
C ARG C 198 -18.42 -9.83 10.58
N ILE C 199 -19.28 -10.54 11.31
CA ILE C 199 -19.44 -11.99 11.11
C ILE C 199 -20.87 -12.30 10.65
N GLY C 200 -21.00 -12.80 9.44
CA GLY C 200 -22.32 -13.04 8.87
C GLY C 200 -22.16 -13.59 7.48
N GLN C 201 -23.26 -14.07 6.93
CA GLN C 201 -23.32 -14.70 5.62
C GLN C 201 -22.67 -13.88 4.51
N SER C 202 -22.85 -12.57 4.56
CA SER C 202 -22.42 -11.72 3.46
C SER C 202 -21.13 -10.97 3.79
N SER C 203 -20.51 -11.25 4.93
CA SER C 203 -19.34 -10.45 5.31
C SER C 203 -18.08 -10.71 4.49
N THR C 204 -17.50 -9.62 3.98
CA THR C 204 -16.18 -9.67 3.34
C THR C 204 -15.14 -8.89 4.16
N ASP C 205 -15.38 -8.81 5.46
CA ASP C 205 -14.42 -8.19 6.38
C ASP C 205 -13.36 -9.19 6.87
N ALA C 206 -12.11 -8.75 6.98
CA ALA C 206 -11.07 -9.57 7.61
C ALA C 206 -11.43 -9.82 9.08
N ILE C 207 -10.96 -10.96 9.59
CA ILE C 207 -11.25 -11.39 10.95
C ILE C 207 -9.97 -11.35 11.79
N ASN C 208 -10.05 -10.91 13.05
CA ASN C 208 -8.84 -10.95 13.87
C ASN C 208 -8.85 -12.07 14.91
N GLY C 209 -7.71 -12.24 15.58
CA GLY C 209 -7.50 -13.36 16.47
C GLY C 209 -8.45 -13.46 17.66
N SER C 210 -8.95 -12.31 18.13
CA SER C 210 -9.88 -12.32 19.25
C SER C 210 -11.18 -12.99 18.83
N GLN C 211 -11.47 -12.95 17.53
CA GLN C 211 -12.70 -13.54 17.01
C GLN C 211 -12.62 -15.05 16.89
N LEU C 212 -11.52 -15.58 16.34
CA LEU C 212 -11.32 -17.03 16.33
C LEU C 212 -11.22 -17.59 17.75
N TYR C 213 -10.63 -16.81 18.66
CA TYR C 213 -10.51 -17.25 20.07
C TYR C 213 -11.88 -17.50 20.72
N GLY C 214 -12.82 -16.59 20.51
CA GLY C 214 -14.17 -16.79 21.03
C GLY C 214 -14.79 -18.07 20.49
N THR C 215 -14.62 -18.28 19.19
CA THR C 215 -15.14 -19.48 18.54
C THR C 215 -14.51 -20.77 19.11
N ASN C 216 -13.19 -20.75 19.29
CA ASN C 216 -12.47 -21.87 19.89
C ASN C 216 -13.00 -22.20 21.29
N GLN C 217 -13.23 -21.16 22.09
CA GLN C 217 -13.78 -21.35 23.43
C GLN C 217 -15.13 -22.01 23.40
N SER C 218 -15.95 -21.66 22.41
CA SER C 218 -17.30 -22.22 22.32
C SER C 218 -17.24 -23.72 22.03
N ILE C 219 -16.22 -24.15 21.29
CA ILE C 219 -16.07 -25.58 20.98
C ILE C 219 -15.75 -26.37 22.25
N GLU C 220 -14.88 -25.81 23.09
CA GLU C 220 -14.54 -26.50 24.34
C GLU C 220 -15.72 -26.44 25.32
N ALA C 221 -16.49 -25.36 25.30
CA ALA C 221 -17.68 -25.27 26.12
C ALA C 221 -18.69 -26.36 25.76
N LEU C 222 -18.87 -26.59 24.46
CA LEU C 222 -19.77 -27.63 23.98
C LEU C 222 -19.26 -29.01 24.40
N THR C 223 -17.94 -29.18 24.34
CA THR C 223 -17.30 -30.44 24.69
C THR C 223 -17.56 -30.80 26.16
N ASP C 224 -17.48 -29.81 27.04
CA ASP C 224 -17.78 -30.02 28.46
C ASP C 224 -19.21 -30.55 28.65
N LYS C 225 -20.14 -30.01 27.87
CA LYS C 225 -21.52 -30.44 27.93
C LYS C 225 -21.67 -31.87 27.41
N MET C 226 -20.90 -32.20 26.37
CA MET C 226 -20.93 -33.55 25.80
C MET C 226 -20.40 -34.58 26.79
N ASN C 227 -19.31 -34.26 27.47
CA ASN C 227 -18.75 -35.16 28.47
C ASN C 227 -19.74 -35.37 29.62
N SER C 228 -20.52 -34.34 29.94
CA SER C 228 -21.58 -34.46 30.94
C SER C 228 -22.64 -35.45 30.48
N LEU C 229 -23.11 -35.27 29.25
CA LEU C 229 -24.07 -36.16 28.60
C LEU C 229 -23.58 -37.61 28.64
N GLY C 230 -22.32 -37.82 28.27
CA GLY C 230 -21.74 -39.15 28.28
C GLY C 230 -21.73 -39.79 29.66
N ASN C 231 -21.27 -39.04 30.65
CA ASN C 231 -21.16 -39.54 32.01
C ASN C 231 -22.51 -39.81 32.68
N THR C 232 -23.46 -38.89 32.52
CA THR C 232 -24.76 -39.04 33.16
C THR C 232 -25.53 -40.22 32.55
N VAL C 233 -25.38 -40.42 31.24
CA VAL C 233 -26.01 -41.57 30.57
C VAL C 233 -25.43 -42.88 31.09
N ALA C 234 -24.12 -42.91 31.30
CA ALA C 234 -23.44 -44.09 31.84
C ALA C 234 -24.06 -44.55 33.16
N ASN C 235 -24.47 -43.59 33.98
CA ASN C 235 -25.13 -43.87 35.25
C ASN C 235 -26.59 -44.26 35.07
N GLY C 238 -26.57 -48.71 34.36
CA GLY C 238 -25.36 -48.63 35.17
C GLY C 238 -24.64 -49.95 35.29
N SER C 239 -24.43 -50.39 36.53
CA SER C 239 -23.76 -51.66 36.84
C SER C 239 -22.42 -51.85 36.11
N GLY C 240 -21.43 -51.04 36.48
CA GLY C 240 -20.11 -51.15 35.88
C GLY C 240 -19.94 -50.35 34.60
N ALA C 241 -21.01 -49.72 34.15
CA ALA C 241 -21.00 -48.94 32.91
C ALA C 241 -20.09 -47.73 33.04
N SER C 242 -19.58 -47.23 31.91
CA SER C 242 -18.61 -46.14 31.92
C SER C 242 -18.66 -45.31 30.63
N TYR C 243 -18.10 -44.11 30.71
CA TYR C 243 -17.99 -43.24 29.55
C TYR C 243 -16.54 -42.80 29.37
N ASN C 244 -16.07 -42.85 28.13
CA ASN C 244 -14.70 -42.48 27.81
C ASN C 244 -14.64 -41.20 26.97
N PRO C 245 -14.25 -40.07 27.59
CA PRO C 245 -14.17 -38.79 26.85
C PRO C 245 -13.16 -38.81 25.71
N GLN C 246 -12.19 -39.72 25.77
CA GLN C 246 -11.15 -39.83 24.74
C GLN C 246 -11.72 -40.28 23.40
N THR C 247 -12.82 -41.04 23.45
CA THR C 247 -13.43 -41.62 22.25
C THR C 247 -14.89 -41.21 22.11
N GLY C 248 -15.51 -40.81 23.22
CA GLY C 248 -16.94 -40.52 23.25
C GLY C 248 -17.82 -41.74 23.52
N ALA C 249 -17.21 -42.92 23.51
CA ALA C 249 -17.97 -44.17 23.61
C ALA C 249 -18.44 -44.44 25.05
N VAL C 250 -19.70 -44.86 25.17
CA VAL C 250 -20.22 -45.41 26.42
C VAL C 250 -20.02 -46.92 26.41
N ASN C 251 -19.47 -47.44 27.51
CA ASN C 251 -19.34 -48.89 27.66
C ASN C 251 -20.40 -49.40 28.62
N GLY C 252 -21.32 -50.23 28.14
CA GLY C 252 -22.39 -50.77 28.95
C GLY C 252 -22.77 -52.19 28.58
MG MG D . 10.82 7.43 -11.73
MG MG E . -6.93 12.56 -7.37
MG MG F . -6.27 13.63 -10.63
MG MG G . 3.20 18.11 -17.89
MG MG H . -0.28 -20.47 -1.45
MG MG I . -11.70 -6.16 9.72
MG MG J . 10.41 13.96 6.32
#